data_8JZD
#
_entry.id   8JZD
#
_cell.length_a   185.443
_cell.length_b   185.443
_cell.length_c   37.943
_cell.angle_alpha   90.000
_cell.angle_beta   90.000
_cell.angle_gamma   120.000
#
_symmetry.space_group_name_H-M   'H 3'
#
loop_
_entity.id
_entity.type
_entity.pdbx_description
1 polymer 'Nitrate reductase molybdenum cofactor assembly chaperone NarJ'
2 polymer 'Respiratory nitrate reductase 1 alpha chain'
#
loop_
_entity_poly.entity_id
_entity_poly.type
_entity_poly.pdbx_seq_one_letter_code
_entity_poly.pdbx_strand_id
1 'polypeptide(L)'
;MIELVIVSRLLEYPDAALWQHQQEMFEAIAASKNLPKEDAHALGIFLRDLTTMDPLDAQAQYSELFDRGRATSLLLFEHV
HGESRDRGQAMVDLLAQYEQHGLQLNSRELPDHLPLYLEYLAQLPQSEAVEGLKDIAPILALLSARLQQRESRYAVLFDL
LLKLANTAIDSDKVAEKIADEARPGAHHHHHH
;
A,C
2 'polypeptide(L)' MSKFLDRFRYFKQKG B,D
#
# COMPACT_ATOMS: atom_id res chain seq x y z
N MET A 1 -6.30 -12.56 9.06
CA MET A 1 -5.84 -11.41 8.29
C MET A 1 -6.51 -10.12 8.75
N ILE A 2 -5.69 -9.23 9.32
CA ILE A 2 -6.19 -7.92 9.76
C ILE A 2 -6.91 -7.22 8.62
N GLU A 3 -6.42 -7.42 7.38
CA GLU A 3 -7.07 -6.80 6.23
C GLU A 3 -8.53 -7.24 6.09
N LEU A 4 -8.82 -8.51 6.39
CA LEU A 4 -10.19 -9.01 6.28
C LEU A 4 -11.09 -8.38 7.33
N VAL A 5 -10.60 -8.22 8.56
CA VAL A 5 -11.36 -7.47 9.57
C VAL A 5 -11.61 -6.05 9.09
N ILE A 6 -10.56 -5.38 8.62
CA ILE A 6 -10.67 -3.99 8.19
C ILE A 6 -11.72 -3.83 7.10
N VAL A 7 -11.69 -4.70 6.09
CA VAL A 7 -12.71 -4.60 5.04
C VAL A 7 -14.09 -4.97 5.60
N SER A 8 -14.13 -5.94 6.53
CA SER A 8 -15.40 -6.32 7.14
C SER A 8 -16.06 -5.12 7.80
N ARG A 9 -15.27 -4.29 8.50
CA ARG A 9 -15.82 -3.09 9.13
C ARG A 9 -16.26 -2.07 8.09
N LEU A 10 -15.46 -1.88 7.03
CA LEU A 10 -15.73 -0.88 6.00
C LEU A 10 -16.88 -1.29 5.10
N LEU A 11 -17.13 -2.59 5.01
CA LEU A 11 -18.22 -3.08 4.20
C LEU A 11 -19.52 -3.15 4.98
N GLU A 12 -19.45 -3.05 6.30
CA GLU A 12 -20.65 -2.98 7.12
C GLU A 12 -21.28 -1.58 7.08
N TYR A 13 -22.57 -1.52 7.43
CA TYR A 13 -23.30 -0.27 7.67
C TYR A 13 -22.37 0.66 8.43
N PRO A 14 -22.09 1.84 7.90
CA PRO A 14 -21.07 2.70 8.51
C PRO A 14 -21.42 3.05 9.95
N ASP A 15 -20.64 2.51 10.86
CA ASP A 15 -20.89 2.73 12.27
C ASP A 15 -20.08 3.93 12.80
N ALA A 16 -20.66 4.61 13.80
CA ALA A 16 -19.94 5.74 14.40
C ALA A 16 -18.57 5.33 14.92
N ALA A 17 -18.45 4.11 15.43
CA ALA A 17 -17.16 3.61 15.92
C ALA A 17 -16.07 3.68 14.85
N LEU A 18 -16.44 3.66 13.56
CA LEU A 18 -15.44 3.87 12.52
C LEU A 18 -14.78 5.24 12.68
N TRP A 19 -15.57 6.29 12.89
CA TRP A 19 -14.95 7.61 13.00
C TRP A 19 -14.06 7.71 14.22
N GLN A 20 -14.39 7.05 15.32
CA GLN A 20 -13.55 7.33 16.48
C GLN A 20 -12.31 6.45 16.51
N HIS A 21 -12.26 5.41 15.69
CA HIS A 21 -11.07 4.57 15.60
C HIS A 21 -10.37 4.71 14.25
N GLN A 22 -10.63 5.79 13.51
CA GLN A 22 -10.03 5.93 12.19
C GLN A 22 -8.51 5.92 12.30
N GLN A 23 -7.96 6.52 13.36
CA GLN A 23 -6.51 6.52 13.51
C GLN A 23 -5.96 5.10 13.54
N GLU A 24 -6.51 4.25 14.41
CA GLU A 24 -6.09 2.85 14.48
C GLU A 24 -6.19 2.14 13.13
N MET A 25 -7.24 2.40 12.36
CA MET A 25 -7.41 1.71 11.08
C MET A 25 -6.42 2.23 10.04
N PHE A 26 -6.29 3.56 9.95
CA PHE A 26 -5.33 4.18 9.03
C PHE A 26 -3.94 3.59 9.21
N GLU A 27 -3.53 3.40 10.47
CA GLU A 27 -2.21 2.85 10.75
C GLU A 27 -2.14 1.38 10.36
N ALA A 28 -3.18 0.60 10.69
CA ALA A 28 -3.19 -0.81 10.33
C ALA A 28 -3.16 -1.01 8.82
N ILE A 29 -3.97 -0.23 8.09
CA ILE A 29 -3.90 -0.19 6.63
C ILE A 29 -2.51 0.20 6.16
N ALA A 30 -1.90 1.21 6.78
CA ALA A 30 -0.58 1.63 6.32
C ALA A 30 0.44 0.53 6.50
N ALA A 31 0.41 -0.17 7.64
CA ALA A 31 1.41 -1.18 7.92
C ALA A 31 1.02 -2.56 7.39
N SER A 32 0.05 -2.60 6.46
CA SER A 32 -0.42 -3.87 5.90
C SER A 32 0.70 -4.64 5.22
N LYS A 33 0.79 -5.94 5.53
CA LYS A 33 1.74 -6.87 4.93
C LYS A 33 1.12 -7.73 3.83
N ASN A 34 -0.21 -7.75 3.70
CA ASN A 34 -0.84 -8.60 2.71
C ASN A 34 -1.34 -7.84 1.48
N LEU A 35 -1.12 -6.54 1.41
CA LEU A 35 -1.65 -5.76 0.29
C LEU A 35 -0.51 -4.94 -0.30
N PRO A 36 -0.32 -4.95 -1.63
CA PRO A 36 0.70 -4.08 -2.22
C PRO A 36 0.42 -2.62 -1.92
N LYS A 37 1.48 -1.81 -2.03
CA LYS A 37 1.41 -0.42 -1.60
C LYS A 37 0.24 0.31 -2.24
N GLU A 38 -0.07 0.00 -3.50
CA GLU A 38 -1.07 0.78 -4.21
C GLU A 38 -2.47 0.46 -3.72
N ASP A 39 -2.69 -0.78 -3.28
CA ASP A 39 -4.00 -1.22 -2.81
C ASP A 39 -4.25 -0.74 -1.40
N ALA A 40 -3.22 -0.77 -0.54
CA ALA A 40 -3.34 -0.18 0.78
C ALA A 40 -3.67 1.31 0.68
N HIS A 41 -3.02 2.00 -0.27
CA HIS A 41 -3.37 3.38 -0.54
C HIS A 41 -4.85 3.53 -0.89
N ALA A 42 -5.33 2.71 -1.84
CA ALA A 42 -6.72 2.80 -2.28
C ALA A 42 -7.69 2.55 -1.14
N LEU A 43 -7.32 1.63 -0.23
CA LEU A 43 -8.11 1.37 0.97
C LEU A 43 -8.08 2.55 1.93
N GLY A 44 -6.91 3.15 2.13
CA GLY A 44 -6.84 4.33 2.98
C GLY A 44 -7.59 5.51 2.39
N ILE A 45 -7.52 5.68 1.06
CA ILE A 45 -8.37 6.68 0.41
C ILE A 45 -9.82 6.44 0.78
N PHE A 46 -10.26 5.18 0.65
CA PHE A 46 -11.65 4.84 0.94
C PHE A 46 -12.03 5.25 2.34
N LEU A 47 -11.25 4.81 3.35
CA LEU A 47 -11.56 5.18 4.72
C LEU A 47 -11.63 6.69 4.90
N ARG A 48 -10.66 7.42 4.34
CA ARG A 48 -10.67 8.88 4.49
C ARG A 48 -11.91 9.47 3.84
N ASP A 49 -12.26 9.00 2.64
CA ASP A 49 -13.47 9.49 2.02
C ASP A 49 -14.68 9.19 2.87
N LEU A 50 -14.68 8.04 3.53
CA LEU A 50 -15.85 7.67 4.29
C LEU A 50 -15.97 8.54 5.54
N THR A 51 -14.90 8.68 6.29
CA THR A 51 -14.99 9.39 7.56
C THR A 51 -14.91 10.91 7.43
N THR A 52 -14.79 11.46 6.23
CA THR A 52 -14.96 12.90 6.14
C THR A 52 -16.43 13.26 5.95
N MET A 53 -17.27 12.30 5.61
CA MET A 53 -18.71 12.48 5.63
C MET A 53 -19.20 12.45 7.07
N ASP A 54 -20.36 13.03 7.30
CA ASP A 54 -21.05 12.79 8.57
C ASP A 54 -21.64 11.38 8.55
N PRO A 55 -21.49 10.62 9.65
CA PRO A 55 -22.00 9.22 9.64
C PRO A 55 -23.44 9.11 9.17
N LEU A 56 -24.29 10.07 9.55
CA LEU A 56 -25.66 10.05 9.06
C LEU A 56 -25.69 10.06 7.55
N ASP A 57 -24.81 10.86 6.94
CA ASP A 57 -24.79 10.93 5.48
C ASP A 57 -24.10 9.71 4.88
N ALA A 58 -23.09 9.15 5.56
CA ALA A 58 -22.53 7.88 5.10
C ALA A 58 -23.58 6.78 5.18
N GLN A 59 -24.29 6.70 6.31
CA GLN A 59 -25.33 5.69 6.48
C GLN A 59 -26.39 5.78 5.40
N ALA A 60 -26.79 6.99 5.02
CA ALA A 60 -27.83 7.13 4.02
C ALA A 60 -27.36 6.60 2.67
N GLN A 61 -26.14 6.97 2.25
CA GLN A 61 -25.64 6.46 0.99
C GLN A 61 -25.52 4.94 1.02
N TYR A 62 -25.04 4.37 2.12
CA TYR A 62 -24.90 2.93 2.25
C TYR A 62 -26.23 2.23 2.01
N SER A 63 -27.30 2.73 2.63
CA SER A 63 -28.61 2.12 2.46
C SER A 63 -29.13 2.27 1.04
N GLU A 64 -28.93 3.45 0.43
CA GLU A 64 -29.38 3.62 -0.94
C GLU A 64 -28.73 2.62 -1.87
N LEU A 65 -27.68 1.94 -1.40
CA LEU A 65 -26.84 1.13 -2.25
C LEU A 65 -26.94 -0.37 -1.94
N PHE A 66 -27.02 -0.74 -0.66
CA PHE A 66 -27.01 -2.15 -0.28
C PHE A 66 -28.32 -2.66 0.27
N ASP A 67 -29.14 -1.80 0.88
CA ASP A 67 -30.40 -2.20 1.51
C ASP A 67 -31.60 -2.00 0.60
N ARG A 68 -31.44 -1.29 -0.51
CA ARG A 68 -32.49 -1.07 -1.51
C ARG A 68 -32.12 -1.88 -2.76
N GLY A 69 -32.45 -3.17 -2.73
CA GLY A 69 -32.28 -4.00 -3.89
C GLY A 69 -31.87 -5.42 -3.57
N ARG A 70 -31.82 -6.28 -4.57
CA ARG A 70 -31.30 -7.62 -4.38
C ARG A 70 -30.00 -7.86 -5.12
N ALA A 71 -29.82 -7.19 -6.26
CA ALA A 71 -28.59 -7.32 -7.02
C ALA A 71 -27.35 -6.84 -6.24
N THR A 72 -27.49 -5.97 -5.26
CA THR A 72 -26.33 -5.53 -4.49
C THR A 72 -26.38 -6.03 -3.06
N SER A 73 -27.04 -7.17 -2.85
CA SER A 73 -27.18 -7.73 -1.52
C SER A 73 -25.85 -8.32 -1.04
N LEU A 74 -25.59 -8.18 0.26
CA LEU A 74 -24.42 -8.78 0.90
C LEU A 74 -24.69 -10.15 1.51
N LEU A 75 -25.88 -10.70 1.34
CA LEU A 75 -26.15 -12.09 1.67
C LEU A 75 -25.65 -12.94 0.50
N LEU A 76 -24.55 -13.68 0.71
CA LEU A 76 -23.94 -14.46 -0.36
C LEU A 76 -24.93 -15.43 -1.01
N PHE A 77 -25.63 -16.22 -0.21
CA PHE A 77 -26.47 -17.24 -0.81
C PHE A 77 -27.59 -16.63 -1.62
N GLU A 78 -27.86 -15.33 -1.50
CA GLU A 78 -28.83 -14.75 -2.40
C GLU A 78 -28.29 -14.68 -3.82
N HIS A 79 -26.97 -14.76 -3.98
CA HIS A 79 -26.38 -14.85 -5.30
C HIS A 79 -26.12 -16.30 -5.74
N VAL A 80 -26.12 -17.25 -4.81
CA VAL A 80 -25.75 -18.62 -5.18
C VAL A 80 -26.99 -19.42 -5.52
N HIS A 81 -27.96 -19.45 -4.60
CA HIS A 81 -29.11 -20.35 -4.69
C HIS A 81 -30.36 -19.57 -5.07
N GLY A 82 -31.00 -19.96 -6.17
CA GLY A 82 -32.24 -19.32 -6.55
C GLY A 82 -33.43 -19.75 -5.71
N GLU A 83 -33.53 -21.03 -5.35
CA GLU A 83 -34.64 -21.50 -4.54
C GLU A 83 -34.40 -21.14 -3.08
N SER A 84 -35.46 -20.65 -2.42
CA SER A 84 -35.34 -20.27 -1.01
C SER A 84 -34.96 -21.46 -0.13
N ARG A 85 -35.42 -22.67 -0.47
CA ARG A 85 -35.10 -23.85 0.35
C ARG A 85 -33.62 -24.22 0.23
N ASP A 86 -33.03 -24.04 -0.96
CA ASP A 86 -31.60 -24.31 -1.11
C ASP A 86 -30.78 -23.38 -0.24
N ARG A 87 -31.16 -22.09 -0.20
CA ARG A 87 -30.49 -21.13 0.66
C ARG A 87 -30.52 -21.57 2.12
N GLY A 88 -31.65 -22.11 2.57
CA GLY A 88 -31.74 -22.54 3.95
C GLY A 88 -30.68 -23.56 4.31
N GLN A 89 -30.59 -24.65 3.54
CA GLN A 89 -29.59 -25.66 3.86
C GLN A 89 -28.18 -25.10 3.76
N ALA A 90 -27.93 -24.24 2.77
CA ALA A 90 -26.62 -23.60 2.70
C ALA A 90 -26.29 -22.84 3.98
N MET A 91 -27.25 -22.05 4.49
CA MET A 91 -27.03 -21.31 5.74
C MET A 91 -26.74 -22.25 6.90
N VAL A 92 -27.49 -23.35 7.01
CA VAL A 92 -27.24 -24.31 8.07
C VAL A 92 -25.83 -24.86 7.94
N ASP A 93 -25.45 -25.27 6.74
CA ASP A 93 -24.12 -25.84 6.54
C ASP A 93 -23.03 -24.81 6.84
N LEU A 94 -23.30 -23.53 6.55
CA LEU A 94 -22.34 -22.49 6.91
C LEU A 94 -22.27 -22.28 8.42
N LEU A 95 -23.44 -22.25 9.09
CA LEU A 95 -23.45 -22.18 10.55
C LEU A 95 -22.64 -23.30 11.18
N ALA A 96 -22.77 -24.52 10.67
CA ALA A 96 -22.04 -25.65 11.23
C ALA A 96 -20.54 -25.52 11.00
N GLN A 97 -20.15 -25.04 9.81
CA GLN A 97 -18.74 -24.76 9.53
C GLN A 97 -18.18 -23.72 10.52
N TYR A 98 -18.99 -22.73 10.92
CA TYR A 98 -18.58 -21.81 11.99
C TYR A 98 -18.42 -22.56 13.30
N GLU A 99 -19.40 -23.39 13.66
CA GLU A 99 -19.34 -24.13 14.93
C GLU A 99 -18.13 -25.06 14.95
N GLN A 100 -17.77 -25.64 13.80
CA GLN A 100 -16.58 -26.48 13.73
C GLN A 100 -15.32 -25.74 14.19
N HIS A 101 -15.18 -24.47 13.79
CA HIS A 101 -14.03 -23.66 14.20
C HIS A 101 -14.23 -23.02 15.58
N GLY A 102 -15.20 -23.50 16.35
CA GLY A 102 -15.42 -23.01 17.70
C GLY A 102 -16.03 -21.64 17.76
N LEU A 103 -16.70 -21.20 16.71
CA LEU A 103 -17.28 -19.87 16.64
C LEU A 103 -18.80 -19.99 16.67
N GLN A 104 -19.43 -19.14 17.46
CA GLN A 104 -20.87 -19.14 17.62
C GLN A 104 -21.40 -17.76 17.24
N LEU A 105 -22.49 -17.75 16.46
CA LEU A 105 -23.14 -16.49 16.13
C LEU A 105 -23.48 -15.73 17.40
N ASN A 106 -23.06 -14.47 17.45
CA ASN A 106 -23.37 -13.53 18.52
C ASN A 106 -23.92 -12.25 17.93
N SER A 107 -24.71 -12.35 16.87
CA SER A 107 -25.23 -11.22 16.16
C SER A 107 -26.67 -11.51 15.77
N ARG A 108 -27.32 -10.52 15.15
CA ARG A 108 -28.62 -10.73 14.56
C ARG A 108 -28.53 -10.63 13.04
N GLU A 109 -27.38 -11.01 12.48
CA GLU A 109 -27.15 -11.09 11.05
C GLU A 109 -27.15 -12.55 10.64
N LEU A 110 -27.46 -12.78 9.36
CA LEU A 110 -27.46 -14.11 8.80
C LEU A 110 -26.04 -14.63 8.61
N PRO A 111 -25.86 -15.95 8.54
CA PRO A 111 -24.50 -16.51 8.44
C PRO A 111 -23.76 -16.17 7.17
N ASP A 112 -24.46 -15.93 6.07
CA ASP A 112 -23.82 -15.62 4.79
C ASP A 112 -23.75 -14.12 4.52
N HIS A 113 -23.98 -13.30 5.55
CA HIS A 113 -23.75 -11.87 5.45
C HIS A 113 -22.25 -11.61 5.23
N LEU A 114 -21.88 -11.09 4.07
CA LEU A 114 -20.46 -11.00 3.70
C LEU A 114 -19.57 -10.39 4.77
N PRO A 115 -19.89 -9.24 5.38
CA PRO A 115 -18.99 -8.73 6.43
C PRO A 115 -18.77 -9.73 7.55
N LEU A 116 -19.84 -10.39 7.97
CA LEU A 116 -19.73 -11.42 8.99
C LEU A 116 -18.86 -12.56 8.51
N TYR A 117 -19.11 -13.05 7.30
CA TYR A 117 -18.28 -14.09 6.72
C TYR A 117 -16.80 -13.66 6.68
N LEU A 118 -16.53 -12.39 6.36
CA LEU A 118 -15.14 -11.94 6.39
C LEU A 118 -14.55 -12.03 7.79
N GLU A 119 -15.30 -11.66 8.82
CA GLU A 119 -14.82 -11.85 10.19
C GLU A 119 -14.42 -13.29 10.46
N TYR A 120 -15.23 -14.25 9.99
CA TYR A 120 -14.88 -15.66 10.13
C TYR A 120 -13.56 -15.95 9.42
N LEU A 121 -13.45 -15.56 8.14
CA LEU A 121 -12.22 -15.79 7.40
C LEU A 121 -10.99 -15.24 8.13
N ALA A 122 -11.12 -14.05 8.71
CA ALA A 122 -9.97 -13.41 9.36
C ALA A 122 -9.43 -14.25 10.52
N GLN A 123 -10.29 -15.07 11.13
CA GLN A 123 -9.89 -15.97 12.22
C GLN A 123 -9.12 -17.18 11.72
N LEU A 124 -9.05 -17.38 10.45
CA LEU A 124 -8.40 -18.58 9.97
C LEU A 124 -6.93 -18.35 9.70
N PRO A 125 -6.14 -19.42 9.65
CA PRO A 125 -4.80 -19.32 9.08
C PRO A 125 -4.83 -18.67 7.71
N GLN A 126 -3.69 -18.12 7.29
CA GLN A 126 -3.60 -17.36 6.05
C GLN A 126 -4.20 -18.12 4.88
N SER A 127 -3.69 -19.32 4.63
CA SER A 127 -4.17 -20.15 3.52
C SER A 127 -5.67 -20.43 3.65
N GLU A 128 -6.12 -20.77 4.86
CA GLU A 128 -7.54 -21.07 5.04
C GLU A 128 -8.41 -19.87 4.71
N ALA A 129 -7.98 -18.67 5.11
CA ALA A 129 -8.73 -17.47 4.76
C ALA A 129 -8.70 -17.22 3.26
N VAL A 130 -7.55 -17.45 2.61
CA VAL A 130 -7.43 -17.19 1.18
C VAL A 130 -8.36 -18.10 0.38
N GLU A 131 -8.42 -19.39 0.74
CA GLU A 131 -9.36 -20.26 0.05
C GLU A 131 -10.79 -19.74 0.19
N GLY A 132 -11.17 -19.32 1.40
CA GLY A 132 -12.50 -18.73 1.58
C GLY A 132 -12.82 -17.64 0.57
N LEU A 133 -11.88 -16.71 0.35
CA LEU A 133 -12.12 -15.67 -0.63
C LEU A 133 -12.23 -16.27 -2.03
N LYS A 134 -11.39 -17.26 -2.34
CA LYS A 134 -11.50 -17.93 -3.63
C LYS A 134 -12.88 -18.57 -3.79
N ASP A 135 -13.44 -19.10 -2.70
CA ASP A 135 -14.75 -19.73 -2.76
C ASP A 135 -15.84 -18.75 -3.20
N ILE A 136 -15.77 -17.51 -2.73
CA ILE A 136 -16.81 -16.55 -3.06
C ILE A 136 -16.39 -15.59 -4.15
N ALA A 137 -15.21 -15.78 -4.72
CA ALA A 137 -14.67 -14.85 -5.73
C ALA A 137 -15.61 -14.53 -6.88
N PRO A 138 -16.42 -15.45 -7.42
CA PRO A 138 -17.37 -15.00 -8.46
C PRO A 138 -18.41 -14.05 -7.94
N ILE A 139 -18.76 -14.17 -6.66
CA ILE A 139 -19.68 -13.22 -6.04
C ILE A 139 -19.00 -11.88 -5.84
N LEU A 140 -17.76 -11.91 -5.32
CA LEU A 140 -17.01 -10.69 -5.15
C LEU A 140 -16.94 -9.91 -6.46
N ALA A 141 -16.72 -10.62 -7.57
CA ALA A 141 -16.53 -9.97 -8.87
C ALA A 141 -17.83 -9.43 -9.42
N LEU A 142 -18.93 -10.14 -9.20
CA LEU A 142 -20.22 -9.62 -9.64
C LEU A 142 -20.56 -8.33 -8.89
N LEU A 143 -20.40 -8.35 -7.56
CA LEU A 143 -20.70 -7.19 -6.76
C LEU A 143 -19.85 -6.01 -7.17
N SER A 144 -18.53 -6.22 -7.22
CA SER A 144 -17.64 -5.18 -7.73
C SER A 144 -18.13 -4.66 -9.07
N ALA A 145 -18.40 -5.57 -10.01
CA ALA A 145 -18.90 -5.17 -11.32
C ALA A 145 -20.13 -4.27 -11.21
N ARG A 146 -21.10 -4.69 -10.38
CA ARG A 146 -22.35 -3.93 -10.24
C ARG A 146 -22.10 -2.58 -9.59
N LEU A 147 -21.28 -2.55 -8.55
CA LEU A 147 -20.98 -1.29 -7.90
C LEU A 147 -20.29 -0.32 -8.86
N GLN A 148 -19.40 -0.82 -9.72
CA GLN A 148 -18.78 0.02 -10.74
C GLN A 148 -19.82 0.59 -11.68
N GLN A 149 -20.84 -0.21 -12.05
CA GLN A 149 -21.91 0.31 -12.88
C GLN A 149 -22.60 1.49 -12.21
N ARG A 150 -22.86 1.40 -10.90
CA ARG A 150 -23.45 2.51 -10.18
C ARG A 150 -22.40 3.57 -9.82
N GLU A 151 -21.18 3.44 -10.34
CA GLU A 151 -20.08 4.37 -10.08
C GLU A 151 -19.91 4.61 -8.57
N SER A 152 -19.81 3.52 -7.81
CA SER A 152 -19.64 3.60 -6.35
C SER A 152 -18.26 3.10 -5.94
N ARG A 153 -17.62 3.84 -5.03
CA ARG A 153 -16.29 3.48 -4.57
C ARG A 153 -16.30 2.28 -3.64
N TYR A 154 -17.46 1.78 -3.22
CA TYR A 154 -17.47 0.54 -2.45
C TYR A 154 -16.92 -0.63 -3.29
N ALA A 155 -17.01 -0.52 -4.63
CA ALA A 155 -16.38 -1.49 -5.53
C ALA A 155 -14.92 -1.72 -5.20
N VAL A 156 -14.24 -0.68 -4.72
CA VAL A 156 -12.86 -0.78 -4.31
C VAL A 156 -12.68 -1.92 -3.31
N LEU A 157 -13.59 -2.01 -2.36
CA LEU A 157 -13.46 -3.03 -1.34
C LEU A 157 -13.59 -4.43 -1.91
N PHE A 158 -14.38 -4.58 -2.97
CA PHE A 158 -14.51 -5.90 -3.57
C PHE A 158 -13.25 -6.24 -4.37
N ASP A 159 -12.73 -5.29 -5.14
CA ASP A 159 -11.48 -5.52 -5.86
C ASP A 159 -10.34 -5.88 -4.92
N LEU A 160 -10.23 -5.17 -3.80
CA LEU A 160 -9.21 -5.52 -2.82
C LEU A 160 -9.37 -6.96 -2.32
N LEU A 161 -10.61 -7.36 -2.02
CA LEU A 161 -10.87 -8.74 -1.59
C LEU A 161 -10.51 -9.73 -2.68
N LEU A 162 -10.92 -9.44 -3.92
CA LEU A 162 -10.48 -10.27 -5.04
C LEU A 162 -8.97 -10.30 -5.12
N LYS A 163 -8.30 -9.16 -4.94
CA LYS A 163 -6.84 -9.20 -4.98
C LYS A 163 -6.31 -10.12 -3.90
N LEU A 164 -6.77 -9.95 -2.66
CA LEU A 164 -6.36 -10.83 -1.58
C LEU A 164 -6.62 -12.30 -1.89
N ALA A 165 -7.50 -12.60 -2.85
CA ALA A 165 -7.84 -13.97 -3.16
C ALA A 165 -6.74 -14.70 -3.96
N ASN A 166 -5.93 -13.97 -4.73
CA ASN A 166 -4.87 -14.55 -5.56
C ASN A 166 -3.47 -14.54 -4.93
N SER B 2 -8.75 -2.35 24.69
CA SER B 2 -8.51 -3.31 23.62
C SER B 2 -8.67 -2.68 22.25
N LYS B 3 -7.73 -2.97 21.36
CA LYS B 3 -7.76 -2.40 20.01
C LYS B 3 -9.06 -2.74 19.31
N PHE B 4 -9.58 -1.78 18.55
CA PHE B 4 -10.87 -1.92 17.87
C PHE B 4 -10.91 -3.16 16.97
N LEU B 5 -9.92 -3.29 16.08
CA LEU B 5 -9.88 -4.37 15.12
C LEU B 5 -9.68 -5.74 15.76
N ASP B 6 -9.37 -5.78 17.05
CA ASP B 6 -9.26 -7.04 17.76
C ASP B 6 -10.51 -7.35 18.57
N ARG B 7 -11.58 -6.56 18.41
CA ARG B 7 -12.85 -6.81 19.06
C ARG B 7 -13.83 -7.42 18.07
N PHE B 8 -14.38 -8.58 18.41
CA PHE B 8 -15.38 -9.22 17.56
C PHE B 8 -16.61 -8.34 17.42
N ARG B 9 -17.20 -8.36 16.23
CA ARG B 9 -18.44 -7.66 15.97
C ARG B 9 -19.59 -8.60 15.67
N TYR B 10 -19.32 -9.84 15.23
CA TYR B 10 -20.40 -10.77 14.91
C TYR B 10 -20.36 -12.08 15.68
N PHE B 11 -19.20 -12.52 16.17
CA PHE B 11 -19.06 -13.84 16.74
C PHE B 11 -18.64 -13.79 18.20
N LYS B 12 -18.67 -14.98 18.80
CA LYS B 12 -18.19 -15.23 20.15
C LYS B 12 -17.65 -16.64 20.19
N GLN B 13 -16.79 -16.90 21.16
CA GLN B 13 -16.14 -18.20 21.30
C GLN B 13 -17.03 -19.17 22.06
N LYS B 14 -16.77 -20.46 21.84
CA LYS B 14 -17.57 -21.53 22.43
C LYS B 14 -16.79 -22.29 23.51
N MET C 1 27.27 6.15 2.52
CA MET C 1 26.93 7.54 2.82
C MET C 1 25.48 7.64 3.26
N ILE C 2 25.29 8.00 4.54
CA ILE C 2 23.95 8.13 5.10
C ILE C 2 23.09 9.07 4.28
N GLU C 3 23.71 10.08 3.64
CA GLU C 3 22.96 10.97 2.78
C GLU C 3 22.28 10.20 1.64
N LEU C 4 22.95 9.16 1.11
CA LEU C 4 22.33 8.33 0.07
C LEU C 4 21.13 7.56 0.61
N VAL C 5 21.25 7.01 1.82
CA VAL C 5 20.08 6.39 2.46
C VAL C 5 18.94 7.39 2.57
N ILE C 6 19.21 8.58 3.12
CA ILE C 6 18.15 9.56 3.30
C ILE C 6 17.49 9.88 1.97
N VAL C 7 18.28 10.13 0.94
CA VAL C 7 17.73 10.42 -0.37
C VAL C 7 17.02 9.18 -0.92
N SER C 8 17.56 7.99 -0.65
CA SER C 8 16.85 6.80 -1.07
C SER C 8 15.45 6.76 -0.45
N ARG C 9 15.33 7.08 0.84
CA ARG C 9 14.02 7.03 1.48
C ARG C 9 13.11 8.11 0.90
N LEU C 10 13.64 9.31 0.68
CA LEU C 10 12.83 10.42 0.21
C LEU C 10 12.44 10.28 -1.25
N LEU C 11 13.20 9.51 -2.02
CA LEU C 11 12.88 9.28 -3.43
C LEU C 11 11.97 8.08 -3.63
N GLU C 12 11.85 7.19 -2.66
CA GLU C 12 10.91 6.09 -2.74
C GLU C 12 9.49 6.63 -2.52
N TYR C 13 8.50 5.83 -2.93
CA TYR C 13 7.08 6.03 -2.64
C TYR C 13 6.98 6.50 -1.20
N PRO C 14 6.34 7.63 -0.94
CA PRO C 14 6.35 8.17 0.42
C PRO C 14 5.69 7.19 1.38
N ASP C 15 6.48 6.59 2.26
CA ASP C 15 5.93 5.65 3.21
C ASP C 15 5.56 6.39 4.50
N ALA C 16 4.53 5.89 5.18
CA ALA C 16 4.12 6.53 6.43
C ALA C 16 5.25 6.60 7.42
N ALA C 17 6.17 5.63 7.38
CA ALA C 17 7.32 5.68 8.27
C ALA C 17 8.12 6.99 8.14
N LEU C 18 8.08 7.66 6.99
CA LEU C 18 8.72 8.97 6.89
C LEU C 18 8.14 9.93 7.91
N TRP C 19 6.80 10.01 7.99
CA TRP C 19 6.19 10.93 8.94
C TRP C 19 6.51 10.54 10.37
N GLN C 20 6.56 9.25 10.65
CA GLN C 20 6.70 8.85 12.03
C GLN C 20 8.15 8.87 12.49
N HIS C 21 9.10 8.93 11.56
CA HIS C 21 10.51 9.03 11.89
C HIS C 21 11.15 10.34 11.42
N GLN C 22 10.34 11.37 11.15
CA GLN C 22 10.88 12.61 10.58
C GLN C 22 11.94 13.25 11.49
N GLN C 23 11.75 13.19 12.81
CA GLN C 23 12.73 13.78 13.72
C GLN C 23 14.13 13.22 13.49
N GLU C 24 14.26 11.89 13.52
CA GLU C 24 15.55 11.26 13.23
C GLU C 24 16.14 11.77 11.92
N MET C 25 15.30 11.92 10.89
CA MET C 25 15.80 12.32 9.58
C MET C 25 16.25 13.77 9.56
N PHE C 26 15.43 14.67 10.12
CA PHE C 26 15.77 16.08 10.22
C PHE C 26 17.13 16.27 10.88
N GLU C 27 17.36 15.55 11.98
CA GLU C 27 18.63 15.64 12.69
C GLU C 27 19.76 15.07 11.84
N ALA C 28 19.53 13.92 11.21
CA ALA C 28 20.55 13.34 10.34
C ALA C 28 20.88 14.28 9.20
N ILE C 29 19.86 14.87 8.58
CA ILE C 29 20.08 15.91 7.58
C ILE C 29 20.86 17.07 8.19
N ALA C 30 20.51 17.47 9.41
CA ALA C 30 21.20 18.59 10.04
C ALA C 30 22.69 18.28 10.28
N ALA C 31 23.00 17.06 10.70
CA ALA C 31 24.38 16.72 11.05
C ALA C 31 25.18 16.15 9.89
N SER C 32 24.69 16.31 8.65
CA SER C 32 25.37 15.73 7.50
C SER C 32 26.79 16.27 7.40
N LYS C 33 27.74 15.36 7.20
CA LYS C 33 29.12 15.73 7.01
C LYS C 33 29.53 15.77 5.54
N ASN C 34 28.73 15.18 4.65
CA ASN C 34 29.09 15.15 3.23
C ASN C 34 28.36 16.20 2.41
N LEU C 35 27.57 17.05 3.03
CA LEU C 35 26.80 18.02 2.28
C LEU C 35 27.04 19.41 2.86
N PRO C 36 27.31 20.40 2.03
CA PRO C 36 27.45 21.78 2.55
C PRO C 36 26.14 22.17 3.21
N LYS C 37 26.24 23.16 4.11
CA LYS C 37 25.08 23.55 4.89
C LYS C 37 23.88 23.87 4.02
N GLU C 38 24.08 24.47 2.85
CA GLU C 38 22.94 24.92 2.05
C GLU C 38 22.24 23.76 1.37
N ASP C 39 22.99 22.74 0.97
CA ASP C 39 22.36 21.61 0.32
C ASP C 39 21.66 20.75 1.35
N ALA C 40 22.25 20.60 2.53
CA ALA C 40 21.56 19.94 3.61
C ALA C 40 20.24 20.66 3.91
N HIS C 41 20.27 22.00 3.92
CA HIS C 41 19.07 22.80 4.09
C HIS C 41 18.01 22.49 3.04
N ALA C 42 18.41 22.48 1.76
CA ALA C 42 17.45 22.23 0.69
C ALA C 42 16.80 20.87 0.86
N LEU C 43 17.53 19.91 1.41
CA LEU C 43 17.01 18.59 1.71
C LEU C 43 15.99 18.64 2.84
N GLY C 44 16.27 19.43 3.88
CA GLY C 44 15.32 19.61 4.98
C GLY C 44 14.04 20.30 4.55
N ILE C 45 14.17 21.33 3.70
CA ILE C 45 12.99 21.94 3.09
C ILE C 45 12.15 20.86 2.42
N PHE C 46 12.80 20.01 1.62
CA PHE C 46 12.07 18.96 0.91
C PHE C 46 11.34 18.06 1.89
N LEU C 47 12.05 17.50 2.88
CA LEU C 47 11.42 16.66 3.89
C LEU C 47 10.24 17.37 4.55
N ARG C 48 10.44 18.63 4.98
CA ARG C 48 9.34 19.32 5.64
C ARG C 48 8.17 19.48 4.68
N ASP C 49 8.44 19.84 3.42
CA ASP C 49 7.35 19.98 2.46
C ASP C 49 6.58 18.66 2.30
N LEU C 50 7.28 17.54 2.32
CA LEU C 50 6.62 16.27 2.07
C LEU C 50 5.76 15.86 3.27
N THR C 51 6.30 15.95 4.49
CA THR C 51 5.62 15.47 5.68
C THR C 51 4.61 16.46 6.22
N THR C 52 4.41 17.60 5.59
CA THR C 52 3.29 18.43 5.97
C THR C 52 2.04 18.02 5.20
N MET C 53 2.22 17.26 4.14
CA MET C 53 1.13 16.67 3.39
C MET C 53 0.53 15.51 4.18
N ASP C 54 -0.70 15.17 3.89
CA ASP C 54 -1.19 13.91 4.40
C ASP C 54 -0.48 12.80 3.64
N PRO C 55 0.02 11.75 4.31
CA PRO C 55 0.70 10.69 3.57
C PRO C 55 -0.09 10.21 2.37
N LEU C 56 -1.41 10.12 2.51
CA LEU C 56 -2.25 9.69 1.40
C LEU C 56 -2.09 10.59 0.18
N ASP C 57 -2.00 11.91 0.39
CA ASP C 57 -1.90 12.82 -0.75
C ASP C 57 -0.50 12.87 -1.33
N ALA C 58 0.53 12.74 -0.50
CA ALA C 58 1.88 12.65 -1.03
C ALA C 58 2.00 11.42 -1.89
N GLN C 59 1.45 10.30 -1.41
CA GLN C 59 1.48 9.06 -2.18
C GLN C 59 0.82 9.23 -3.53
N ALA C 60 -0.32 9.91 -3.58
CA ALA C 60 -1.00 10.04 -4.87
C ALA C 60 -0.17 10.87 -5.83
N GLN C 61 0.37 12.00 -5.34
CA GLN C 61 1.21 12.84 -6.19
C GLN C 61 2.43 12.10 -6.69
N TYR C 62 3.04 11.29 -5.83
CA TYR C 62 4.19 10.49 -6.24
C TYR C 62 3.84 9.60 -7.43
N SER C 63 2.68 8.93 -7.37
CA SER C 63 2.25 8.05 -8.45
C SER C 63 1.96 8.83 -9.72
N GLU C 64 1.29 9.99 -9.62
CA GLU C 64 1.03 10.76 -10.84
C GLU C 64 2.32 11.16 -11.55
N LEU C 65 3.46 11.03 -10.89
CA LEU C 65 4.74 11.55 -11.35
C LEU C 65 5.74 10.49 -11.73
N PHE C 66 5.84 9.38 -10.99
CA PHE C 66 6.88 8.40 -11.25
C PHE C 66 6.39 7.04 -11.71
N ASP C 67 5.20 6.61 -11.30
CA ASP C 67 4.72 5.28 -11.62
C ASP C 67 3.79 5.25 -12.82
N ARG C 68 3.26 6.40 -13.21
CA ARG C 68 2.42 6.52 -14.41
C ARG C 68 3.23 7.30 -15.44
N GLY C 69 4.12 6.60 -16.13
CA GLY C 69 4.88 7.20 -17.21
C GLY C 69 6.25 6.58 -17.32
N ARG C 70 6.94 6.94 -18.41
CA ARG C 70 8.30 6.49 -18.67
C ARG C 70 9.33 7.61 -18.67
N ALA C 71 8.96 8.83 -19.06
CA ALA C 71 9.90 9.94 -19.11
C ALA C 71 10.47 10.31 -17.75
N THR C 72 9.77 10.00 -16.66
CA THR C 72 10.27 10.25 -15.31
C THR C 72 10.51 8.95 -14.56
N SER C 73 10.79 7.88 -15.29
CA SER C 73 10.93 6.58 -14.67
C SER C 73 12.19 6.52 -13.81
N LEU C 74 12.08 5.82 -12.67
CA LEU C 74 13.17 5.60 -11.74
C LEU C 74 13.93 4.32 -12.01
N LEU C 75 13.57 3.59 -13.06
CA LEU C 75 14.38 2.48 -13.55
C LEU C 75 15.50 3.06 -14.40
N LEU C 76 16.73 3.02 -13.89
CA LEU C 76 17.85 3.63 -14.60
C LEU C 76 17.95 3.11 -16.04
N PHE C 77 17.92 1.78 -16.23
CA PHE C 77 18.13 1.22 -17.57
C PHE C 77 17.03 1.57 -18.55
N GLU C 78 15.89 2.10 -18.09
CA GLU C 78 14.91 2.60 -19.07
C GLU C 78 15.38 3.86 -19.77
N HIS C 79 16.39 4.54 -19.23
CA HIS C 79 17.01 5.69 -19.90
C HIS C 79 18.27 5.31 -20.67
N VAL C 80 18.82 4.13 -20.44
CA VAL C 80 20.09 3.75 -21.06
C VAL C 80 19.84 2.95 -22.33
N HIS C 81 19.07 1.87 -22.22
CA HIS C 81 18.91 0.90 -23.29
C HIS C 81 17.51 0.97 -23.87
N GLY C 82 17.41 1.19 -25.18
CA GLY C 82 16.11 1.17 -25.81
C GLY C 82 15.56 -0.25 -25.95
N GLU C 83 16.43 -1.21 -26.26
CA GLU C 83 15.99 -2.57 -26.48
C GLU C 83 15.71 -3.30 -25.16
N SER C 84 14.59 -4.03 -25.13
CA SER C 84 14.18 -4.79 -23.94
C SER C 84 15.19 -5.88 -23.58
N ARG C 85 15.82 -6.50 -24.58
CA ARG C 85 16.81 -7.54 -24.30
C ARG C 85 18.07 -6.92 -23.69
N ASP C 86 18.45 -5.74 -24.17
CA ASP C 86 19.56 -5.03 -23.58
C ASP C 86 19.28 -4.63 -22.13
N ARG C 87 18.07 -4.12 -21.85
CA ARG C 87 17.70 -3.81 -20.46
C ARG C 87 17.81 -5.05 -19.58
N GLY C 88 17.39 -6.20 -20.11
CA GLY C 88 17.48 -7.45 -19.38
C GLY C 88 18.89 -7.82 -19.00
N GLN C 89 19.81 -7.90 -19.97
CA GLN C 89 21.16 -8.30 -19.63
C GLN C 89 21.80 -7.28 -18.68
N ALA C 90 21.52 -5.99 -18.87
CA ALA C 90 22.02 -4.98 -17.93
C ALA C 90 21.55 -5.26 -16.52
N MET C 91 20.27 -5.60 -16.36
CA MET C 91 19.74 -5.96 -15.05
C MET C 91 20.47 -7.16 -14.45
N VAL C 92 20.74 -8.20 -15.27
CA VAL C 92 21.43 -9.39 -14.79
C VAL C 92 22.81 -9.04 -14.28
N ASP C 93 23.58 -8.27 -15.08
CA ASP C 93 24.93 -7.89 -14.67
C ASP C 93 24.93 -7.04 -13.41
N LEU C 94 23.90 -6.20 -13.23
CA LEU C 94 23.83 -5.40 -12.00
C LEU C 94 23.51 -6.28 -10.80
N LEU C 95 22.57 -7.21 -10.94
CA LEU C 95 22.26 -8.12 -9.85
C LEU C 95 23.51 -8.86 -9.39
N ALA C 96 24.34 -9.30 -10.34
CA ALA C 96 25.57 -10.00 -10.00
C ALA C 96 26.55 -9.07 -9.30
N GLN C 97 26.65 -7.82 -9.79
CA GLN C 97 27.46 -6.81 -9.13
C GLN C 97 27.04 -6.62 -7.67
N TYR C 98 25.74 -6.75 -7.39
CA TYR C 98 25.26 -6.78 -6.00
C TYR C 98 25.76 -8.03 -5.28
N GLU C 99 25.64 -9.20 -5.93
CA GLU C 99 26.04 -10.46 -5.30
C GLU C 99 27.50 -10.44 -4.91
N GLN C 100 28.35 -9.80 -5.72
CA GLN C 100 29.77 -9.66 -5.38
C GLN C 100 29.95 -9.00 -4.02
N HIS C 101 29.15 -7.97 -3.73
CA HIS C 101 29.21 -7.24 -2.47
C HIS C 101 28.34 -7.87 -1.38
N GLY C 102 27.88 -9.10 -1.56
CA GLY C 102 27.17 -9.82 -0.51
C GLY C 102 25.76 -9.38 -0.25
N LEU C 103 25.08 -8.80 -1.23
CA LEU C 103 23.72 -8.30 -1.08
C LEU C 103 22.74 -9.12 -1.92
N GLN C 104 21.62 -9.51 -1.32
CA GLN C 104 20.58 -10.26 -2.01
C GLN C 104 19.29 -9.48 -1.93
N LEU C 105 18.60 -9.39 -3.07
CA LEU C 105 17.31 -8.72 -3.12
C LEU C 105 16.35 -9.34 -2.13
N ASN C 106 15.73 -8.48 -1.32
CA ASN C 106 14.66 -8.89 -0.43
C ASN C 106 13.42 -8.04 -0.68
N SER C 107 13.23 -7.63 -1.94
CA SER C 107 12.11 -6.78 -2.34
C SER C 107 11.63 -7.25 -3.71
N ARG C 108 10.58 -6.59 -4.21
CA ARG C 108 10.04 -6.84 -5.54
C ARG C 108 10.29 -5.67 -6.49
N GLU C 109 11.41 -4.98 -6.35
CA GLU C 109 11.80 -3.95 -7.28
C GLU C 109 12.92 -4.46 -8.18
N LEU C 110 13.04 -3.84 -9.36
CA LEU C 110 14.05 -4.19 -10.32
C LEU C 110 15.41 -3.71 -9.84
N PRO C 111 16.50 -4.33 -10.31
CA PRO C 111 17.81 -3.95 -9.79
C PRO C 111 18.21 -2.52 -10.11
N ASP C 112 17.67 -1.93 -11.17
CA ASP C 112 18.04 -0.58 -11.57
C ASP C 112 17.06 0.48 -11.07
N HIS C 113 16.18 0.12 -10.13
CA HIS C 113 15.31 1.07 -9.42
C HIS C 113 16.20 2.02 -8.63
N LEU C 114 16.21 3.30 -9.02
CA LEU C 114 17.16 4.25 -8.45
C LEU C 114 17.25 4.23 -6.92
N PRO C 115 16.15 4.30 -6.16
CA PRO C 115 16.30 4.25 -4.69
C PRO C 115 17.04 3.02 -4.22
N LEU C 116 16.72 1.86 -4.79
CA LEU C 116 17.41 0.64 -4.42
C LEU C 116 18.89 0.76 -4.75
N TYR C 117 19.20 1.20 -5.96
CA TYR C 117 20.59 1.40 -6.37
C TYR C 117 21.34 2.29 -5.38
N LEU C 118 20.68 3.37 -4.90
CA LEU C 118 21.31 4.24 -3.90
C LEU C 118 21.57 3.48 -2.61
N GLU C 119 20.62 2.63 -2.19
CA GLU C 119 20.87 1.80 -1.01
C GLU C 119 22.15 0.99 -1.18
N TYR C 120 22.36 0.43 -2.38
CA TYR C 120 23.62 -0.27 -2.69
C TYR C 120 24.82 0.67 -2.58
N LEU C 121 24.74 1.83 -3.25
CA LEU C 121 25.84 2.80 -3.17
C LEU C 121 26.17 3.15 -1.73
N ALA C 122 25.15 3.27 -0.87
CA ALA C 122 25.42 3.67 0.51
C ALA C 122 26.29 2.66 1.23
N GLN C 123 26.24 1.38 0.82
CA GLN C 123 27.04 0.34 1.46
C GLN C 123 28.51 0.40 1.10
N LEU C 124 28.88 1.17 0.13
CA LEU C 124 30.29 1.13 -0.25
C LEU C 124 31.06 2.20 0.51
N PRO C 125 32.38 2.06 0.60
CA PRO C 125 33.21 3.18 1.03
C PRO C 125 32.91 4.43 0.21
N GLN C 126 33.23 5.61 0.76
CA GLN C 126 32.86 6.87 0.13
C GLN C 126 33.26 6.92 -1.34
N SER C 127 34.53 6.62 -1.64
CA SER C 127 35.02 6.70 -3.02
C SER C 127 34.21 5.83 -3.96
N GLU C 128 33.94 4.57 -3.56
CA GLU C 128 33.16 3.68 -4.42
C GLU C 128 31.74 4.21 -4.63
N ALA C 129 31.13 4.75 -3.56
CA ALA C 129 29.79 5.32 -3.68
C ALA C 129 29.78 6.56 -4.58
N VAL C 130 30.80 7.41 -4.47
CA VAL C 130 30.84 8.61 -5.30
C VAL C 130 30.98 8.24 -6.77
N GLU C 131 31.87 7.31 -7.09
CA GLU C 131 32.01 6.85 -8.48
C GLU C 131 30.70 6.28 -9.00
N GLY C 132 30.01 5.47 -8.19
CA GLY C 132 28.68 4.98 -8.58
C GLY C 132 27.75 6.09 -9.05
N LEU C 133 27.71 7.21 -8.31
CA LEU C 133 26.87 8.33 -8.72
C LEU C 133 27.35 8.93 -10.03
N LYS C 134 28.67 9.01 -10.22
CA LYS C 134 29.22 9.53 -11.48
C LYS C 134 28.76 8.68 -12.66
N ASP C 135 28.63 7.37 -12.46
CA ASP C 135 28.21 6.50 -13.55
C ASP C 135 26.82 6.86 -14.06
N ILE C 136 25.90 7.22 -13.17
CA ILE C 136 24.55 7.53 -13.60
C ILE C 136 24.29 9.01 -13.70
N ALA C 137 25.31 9.85 -13.48
CA ALA C 137 25.13 11.30 -13.48
C ALA C 137 24.40 11.85 -14.70
N PRO C 138 24.55 11.31 -15.92
CA PRO C 138 23.70 11.82 -17.01
C PRO C 138 22.23 11.54 -16.81
N ILE C 139 21.89 10.40 -16.18
CA ILE C 139 20.49 10.12 -15.91
C ILE C 139 19.97 11.04 -14.83
N LEU C 140 20.73 11.20 -13.75
CA LEU C 140 20.32 12.10 -12.69
C LEU C 140 19.97 13.46 -13.25
N ALA C 141 20.78 13.93 -14.20
CA ALA C 141 20.58 15.26 -14.76
C ALA C 141 19.33 15.30 -15.64
N LEU C 142 19.08 14.21 -16.36
CA LEU C 142 17.91 14.16 -17.21
C LEU C 142 16.63 14.25 -16.38
N LEU C 143 16.51 13.42 -15.36
CA LEU C 143 15.29 13.41 -14.54
C LEU C 143 15.07 14.75 -13.87
N SER C 144 16.10 15.27 -13.19
CA SER C 144 16.01 16.60 -12.60
C SER C 144 15.52 17.60 -13.63
N ALA C 145 16.15 17.62 -14.81
CA ALA C 145 15.68 18.48 -15.89
C ALA C 145 14.19 18.22 -16.17
N ARG C 146 13.82 16.95 -16.31
CA ARG C 146 12.43 16.63 -16.59
C ARG C 146 11.53 17.01 -15.42
N LEU C 147 11.95 16.69 -14.20
CA LEU C 147 11.16 17.02 -13.03
C LEU C 147 10.96 18.53 -12.87
N GLN C 148 12.00 19.33 -13.14
CA GLN C 148 11.81 20.77 -13.10
C GLN C 148 10.78 21.24 -14.12
N GLN C 149 10.76 20.61 -15.31
CA GLN C 149 9.79 20.99 -16.34
C GLN C 149 8.36 20.84 -15.84
N ARG C 150 8.05 19.73 -15.17
CA ARG C 150 6.73 19.51 -14.61
C ARG C 150 6.55 20.20 -13.27
N GLU C 151 7.45 21.11 -12.92
CA GLU C 151 7.40 21.90 -11.69
C GLU C 151 7.30 21.01 -10.45
N SER C 152 8.22 20.05 -10.34
CA SER C 152 8.26 19.17 -9.19
C SER C 152 9.51 19.42 -8.37
N ARG C 153 9.34 19.50 -7.06
CA ARG C 153 10.45 19.68 -6.13
C ARG C 153 11.22 18.39 -5.91
N TYR C 154 10.78 17.27 -6.49
CA TYR C 154 11.59 16.06 -6.44
C TYR C 154 12.93 16.25 -7.16
N ALA C 155 12.97 17.15 -8.14
CA ALA C 155 14.22 17.48 -8.82
C ALA C 155 15.36 17.85 -7.87
N VAL C 156 15.02 18.50 -6.74
CA VAL C 156 16.01 18.86 -5.71
C VAL C 156 16.81 17.64 -5.30
N LEU C 157 16.12 16.50 -5.14
CA LEU C 157 16.81 15.28 -4.74
C LEU C 157 17.81 14.84 -5.81
N PHE C 158 17.50 15.10 -7.08
CA PHE C 158 18.42 14.76 -8.14
C PHE C 158 19.62 15.70 -8.16
N ASP C 159 19.37 17.00 -8.00
CA ASP C 159 20.48 17.93 -7.92
C ASP C 159 21.40 17.59 -6.77
N LEU C 160 20.83 17.28 -5.60
CA LEU C 160 21.67 16.86 -4.49
C LEU C 160 22.52 15.66 -4.87
N LEU C 161 21.94 14.68 -5.56
CA LEU C 161 22.70 13.51 -5.96
C LEU C 161 23.85 13.91 -6.87
N LEU C 162 23.56 14.78 -7.84
CA LEU C 162 24.60 15.30 -8.71
C LEU C 162 25.70 15.97 -7.91
N LYS C 163 25.34 16.71 -6.86
CA LYS C 163 26.36 17.34 -6.04
C LYS C 163 27.28 16.29 -5.41
N LEU C 164 26.68 15.28 -4.74
CA LEU C 164 27.47 14.23 -4.11
C LEU C 164 28.38 13.51 -5.10
N ALA C 165 28.10 13.62 -6.39
CA ALA C 165 28.93 12.96 -7.39
C ALA C 165 30.27 13.68 -7.58
N ASN C 166 30.31 14.99 -7.34
CA ASN C 166 31.54 15.78 -7.49
C ASN C 166 32.30 15.98 -6.16
N LYS D 3 17.41 1.95 14.58
CA LYS D 3 16.96 3.23 14.02
C LYS D 3 16.30 2.99 12.66
N PHE D 4 15.74 4.06 12.10
CA PHE D 4 15.05 3.97 10.81
C PHE D 4 16.03 3.96 9.64
N LEU D 5 16.94 4.94 9.60
CA LEU D 5 17.96 4.97 8.56
C LEU D 5 18.97 3.86 8.72
N ASP D 6 18.92 3.12 9.81
CA ASP D 6 19.72 1.92 9.97
C ASP D 6 18.98 0.66 9.55
N ARG D 7 17.78 0.81 8.99
CA ARG D 7 16.93 -0.31 8.58
C ARG D 7 17.06 -0.50 7.07
N PHE D 8 17.48 -1.70 6.66
CA PHE D 8 17.56 -2.03 5.24
C PHE D 8 16.18 -2.12 4.63
N ARG D 9 15.97 -1.46 3.50
CA ARG D 9 14.66 -1.45 2.87
C ARG D 9 14.57 -2.34 1.63
N TYR D 10 15.69 -2.63 0.97
CA TYR D 10 15.66 -3.43 -0.25
C TYR D 10 16.44 -4.75 -0.15
N PHE D 11 17.59 -4.77 0.50
CA PHE D 11 18.46 -5.94 0.52
C PHE D 11 18.32 -6.72 1.82
N LYS D 12 19.02 -7.85 1.89
CA LYS D 12 18.96 -8.72 3.05
C LYS D 12 20.36 -9.03 3.59
#